data_2PXF
#
_entry.id   2PXF
#
_cell.length_a   132.320
_cell.length_b   77.450
_cell.length_c   32.690
_cell.angle_alpha   90.00
_cell.angle_beta   94.15
_cell.angle_gamma   90.00
#
_symmetry.space_group_name_H-M   'C 1 2 1'
#
loop_
_entity.id
_entity.type
_entity.pdbx_description
1 polymer '4.5 S RNA'
2 polymer 'Signal recognition particle protein'
3 non-polymer 'COBALT HEXAMMINE(III)'
#
loop_
_entity_poly.entity_id
_entity_poly.type
_entity_poly.pdbx_seq_one_letter_code
_entity_poly.pdbx_strand_id
1 'polyribonucleotide' GGGGGUGUUUACCAGGUCAGGUCCGAAAGGAAGCAGCCAAGGCACUUCC B
2 'polypeptide(L)'
;FDLNDFLEQLRQMKN(MSE)GG(MSE)ASL(MSE)GKLPG(MSE)GQIPDNVKSQ(MSE)DDKVLVR(MSE)EAIINS
(MSE)T(MSE)KERAKPEIIKGSRKRRIAAGSG(MSE)QVQDVNRLLKQFDD(MSE)QR(MSE)(MSE)KK(MSE)
;
A
#
loop_
_chem_comp.id
_chem_comp.type
_chem_comp.name
_chem_comp.formula
A RNA linking ADENOSINE-5'-MONOPHOSPHATE 'C10 H14 N5 O7 P'
C RNA linking CYTIDINE-5'-MONOPHOSPHATE 'C9 H14 N3 O8 P'
G RNA linking GUANOSINE-5'-MONOPHOSPHATE 'C10 H14 N5 O8 P'
NCO non-polymer 'COBALT HEXAMMINE(III)' 'Co H18 N6 3'
U RNA linking URIDINE-5'-MONOPHOSPHATE 'C9 H13 N2 O9 P'
#
# COMPACT_ATOMS: atom_id res chain seq x y z
N PHE B 1 -2.62 1.47 -12.93
CA PHE B 1 -1.93 0.48 -12.06
C PHE B 1 -2.25 0.76 -10.59
N ASP B 2 -3.26 0.06 -10.07
CA ASP B 2 -3.69 0.24 -8.69
C ASP B 2 -2.99 -0.70 -7.71
N LEU B 3 -3.19 -0.45 -6.42
CA LEU B 3 -2.59 -1.25 -5.36
C LEU B 3 -2.95 -2.72 -5.48
N ASN B 4 -4.04 -3.00 -6.19
CA ASN B 4 -4.47 -4.38 -6.38
C ASN B 4 -3.46 -5.11 -7.24
N ASP B 5 -3.18 -4.55 -8.41
CA ASP B 5 -2.23 -5.15 -9.31
C ASP B 5 -0.93 -5.35 -8.55
N PHE B 6 -0.50 -4.30 -7.85
CA PHE B 6 0.73 -4.37 -7.07
C PHE B 6 0.69 -5.54 -6.07
N LEU B 7 -0.52 -5.92 -5.67
CA LEU B 7 -0.68 -7.01 -4.72
C LEU B 7 -0.54 -8.36 -5.42
N GLU B 8 -0.88 -8.41 -6.70
CA GLU B 8 -0.77 -9.64 -7.46
C GLU B 8 0.65 -10.15 -7.26
N GLN B 9 1.59 -9.23 -7.43
CA GLN B 9 3.02 -9.50 -7.29
C GLN B 9 3.45 -9.49 -5.83
N LYS B 43 9.84 -13.67 2.77
CA LYS B 43 8.76 -13.82 3.79
C LYS B 43 8.28 -12.44 4.25
N VAL B 44 8.89 -11.40 3.70
CA VAL B 44 8.52 -10.04 4.04
C VAL B 44 7.30 -9.67 3.22
N LEU B 45 7.21 -10.25 2.02
CA LEU B 45 6.09 -9.99 1.13
C LEU B 45 4.79 -10.23 1.89
N VAL B 46 4.81 -11.16 2.84
CA VAL B 46 3.63 -11.48 3.62
C VAL B 46 3.11 -10.22 4.29
N ARG B 47 4.05 -9.42 4.80
CA ARG B 47 3.70 -8.16 5.47
C ARG B 47 3.18 -7.12 4.48
N MSE B 48 3.66 -7.15 3.24
CA MSE B 48 3.19 -6.19 2.26
C MSE B 48 1.70 -6.43 2.09
O MSE B 48 0.88 -5.49 2.12
CB MSE B 48 3.90 -6.37 0.91
CG MSE B 48 5.42 -6.21 0.96
SE MSE B 48 6.16 -5.41 -0.65
CE MSE B 48 5.21 -6.45 -1.98
N GLU B 49 1.33 -7.71 1.93
CA GLU B 49 -0.06 -8.08 1.79
C GLU B 49 -0.83 -7.66 3.03
N ALA B 50 -0.34 -8.11 4.19
CA ALA B 50 -0.96 -7.78 5.46
C ALA B 50 -1.39 -6.33 5.47
N ILE B 51 -0.57 -5.47 4.88
CA ILE B 51 -0.88 -4.05 4.84
C ILE B 51 -1.92 -3.65 3.80
N ILE B 52 -1.94 -4.33 2.66
CA ILE B 52 -2.91 -3.99 1.62
C ILE B 52 -4.28 -4.59 1.95
N ASN B 53 -4.28 -5.71 2.64
CA ASN B 53 -5.53 -6.34 3.03
C ASN B 53 -6.22 -5.47 4.08
N SER B 54 -5.60 -4.37 4.46
CA SER B 54 -6.21 -3.53 5.48
C SER B 54 -6.84 -2.29 4.90
N MSE B 55 -6.59 -2.06 3.62
CA MSE B 55 -7.15 -0.87 2.97
C MSE B 55 -8.57 -1.15 2.52
O MSE B 55 -9.08 -2.27 2.69
CB MSE B 55 -6.28 -0.49 1.79
CG MSE B 55 -4.80 -0.68 2.06
SE MSE B 55 -3.69 0.01 0.68
CE MSE B 55 -2.60 1.21 1.73
N THR B 56 -9.21 -0.15 1.96
CA THR B 56 -10.56 -0.33 1.45
C THR B 56 -10.38 -0.49 -0.05
N MSE B 57 -11.46 -0.68 -0.79
CA MSE B 57 -11.33 -0.84 -2.23
C MSE B 57 -11.06 0.48 -2.89
O MSE B 57 -10.51 0.52 -3.99
CB MSE B 57 -12.57 -1.50 -2.82
CG MSE B 57 -12.57 -3.00 -2.64
SE MSE B 57 -10.81 -3.72 -3.02
CE MSE B 57 -10.85 -3.59 -4.93
N LYS B 58 -11.44 1.57 -2.24
CA LYS B 58 -11.20 2.89 -2.81
C LYS B 58 -9.71 3.20 -2.60
N GLU B 59 -9.20 2.83 -1.43
CA GLU B 59 -7.79 3.05 -1.15
C GLU B 59 -6.97 2.25 -2.16
N ARG B 60 -7.15 0.94 -2.19
CA ARG B 60 -6.42 0.11 -3.13
C ARG B 60 -6.52 0.65 -4.56
N ALA B 61 -7.59 1.36 -4.87
CA ALA B 61 -7.80 1.89 -6.21
C ALA B 61 -7.18 3.26 -6.49
N LYS B 62 -7.22 4.15 -5.51
CA LYS B 62 -6.69 5.50 -5.67
C LYS B 62 -5.80 5.81 -4.47
N PRO B 63 -4.62 5.18 -4.41
CA PRO B 63 -3.63 5.34 -3.33
C PRO B 63 -3.41 6.73 -2.75
N GLU B 64 -3.31 7.75 -3.59
CA GLU B 64 -3.04 9.09 -3.06
C GLU B 64 -4.02 9.55 -2.00
N ILE B 65 -5.30 9.25 -2.15
CA ILE B 65 -6.26 9.70 -1.15
C ILE B 65 -5.78 9.29 0.24
N ILE B 66 -4.90 8.31 0.31
CA ILE B 66 -4.38 7.84 1.60
C ILE B 66 -3.47 8.86 2.28
N LYS B 67 -3.85 9.32 3.47
CA LYS B 67 -3.03 10.27 4.21
C LYS B 67 -2.83 9.82 5.67
N GLY B 68 -2.43 10.75 6.53
CA GLY B 68 -2.19 10.40 7.91
C GLY B 68 -3.22 9.48 8.53
N SER B 69 -4.43 10.00 8.63
CA SER B 69 -5.57 9.29 9.22
C SER B 69 -5.78 7.88 8.71
N ARG B 70 -5.84 7.73 7.39
CA ARG B 70 -6.04 6.38 6.87
C ARG B 70 -4.85 5.54 7.30
N LYS B 71 -3.64 6.03 7.00
CA LYS B 71 -2.42 5.32 7.40
C LYS B 71 -2.56 4.82 8.82
N ARG B 72 -2.86 5.72 9.73
CA ARG B 72 -3.01 5.31 11.11
C ARG B 72 -3.92 4.10 11.23
N ARG B 73 -5.01 4.07 10.43
CA ARG B 73 -5.94 2.94 10.49
C ARG B 73 -5.35 1.68 9.84
N ILE B 74 -4.74 1.87 8.68
CA ILE B 74 -4.13 0.79 7.94
C ILE B 74 -3.02 0.07 8.72
N ALA B 75 -2.04 0.82 9.19
CA ALA B 75 -0.95 0.22 9.95
C ALA B 75 -1.54 -0.52 11.14
N ALA B 76 -2.14 0.20 12.07
CA ALA B 76 -2.73 -0.41 13.25
C ALA B 76 -3.60 -1.60 12.90
N GLY B 77 -4.15 -1.59 11.68
CA GLY B 77 -5.01 -2.68 11.25
C GLY B 77 -4.21 -3.91 10.89
N SER B 78 -3.04 -3.71 10.30
CA SER B 78 -2.18 -4.82 9.93
C SER B 78 -0.99 -4.92 10.90
N GLY B 79 -1.24 -4.62 12.17
CA GLY B 79 -0.20 -4.69 13.20
C GLY B 79 1.13 -4.03 12.87
N MSE B 80 1.10 -3.07 11.97
CA MSE B 80 2.29 -2.35 11.52
C MSE B 80 2.38 -0.94 12.09
O MSE B 80 1.54 -0.51 12.88
CB MSE B 80 2.27 -2.25 10.00
CG MSE B 80 2.20 -3.57 9.30
SE MSE B 80 3.84 -4.51 9.51
CE MSE B 80 3.53 -5.40 11.19
N GLN B 81 3.43 -0.23 11.67
CA GLN B 81 3.66 1.16 12.06
C GLN B 81 3.48 1.98 10.78
N VAL B 82 3.12 3.25 10.92
CA VAL B 82 2.91 4.03 9.73
C VAL B 82 4.07 3.89 8.77
N GLN B 83 5.28 3.98 9.30
CA GLN B 83 6.49 3.86 8.50
C GLN B 83 6.41 2.65 7.56
N ASP B 84 6.05 1.49 8.11
CA ASP B 84 5.92 0.29 7.29
C ASP B 84 4.96 0.59 6.17
N VAL B 85 3.90 1.33 6.49
CA VAL B 85 2.91 1.68 5.48
C VAL B 85 3.55 2.57 4.46
N ASN B 86 4.18 3.64 4.94
CA ASN B 86 4.85 4.60 4.07
C ASN B 86 5.85 3.80 3.25
N ARG B 87 6.50 2.86 3.93
CA ARG B 87 7.48 1.99 3.29
C ARG B 87 6.81 1.36 2.07
N LEU B 88 5.75 0.59 2.32
CA LEU B 88 5.00 -0.08 1.27
C LEU B 88 4.53 0.96 0.26
N LEU B 89 3.92 2.02 0.78
CA LEU B 89 3.40 3.10 -0.05
C LEU B 89 4.50 3.62 -0.96
N LYS B 90 5.72 3.72 -0.43
CA LYS B 90 6.86 4.18 -1.20
C LYS B 90 7.20 3.10 -2.24
N GLN B 91 7.19 1.85 -1.80
CA GLN B 91 7.48 0.74 -2.69
C GLN B 91 6.54 0.85 -3.88
N PHE B 92 5.24 0.66 -3.63
CA PHE B 92 4.22 0.75 -4.67
C PHE B 92 4.53 1.88 -5.62
N ASP B 93 4.83 3.05 -5.06
CA ASP B 93 5.14 4.21 -5.85
C ASP B 93 6.26 3.88 -6.83
N ASP B 94 7.41 3.49 -6.30
CA ASP B 94 8.55 3.13 -7.14
C ASP B 94 8.07 2.18 -8.25
N MSE B 95 7.14 1.32 -7.89
CA MSE B 95 6.58 0.33 -8.81
C MSE B 95 5.77 1.01 -9.91
O MSE B 95 6.14 0.99 -11.08
CB MSE B 95 5.69 -0.64 -8.04
CG MSE B 95 4.90 -1.63 -8.89
SE MSE B 95 5.94 -3.07 -9.62
CE MSE B 95 6.00 -4.20 -8.04
N GLN B 96 4.65 1.62 -9.52
CA GLN B 96 3.77 2.30 -10.47
C GLN B 96 4.60 3.12 -11.45
N ARG B 97 5.51 3.92 -10.90
CA ARG B 97 6.38 4.77 -11.70
C ARG B 97 6.95 4.06 -12.90
N MSE B 98 7.58 2.93 -12.66
CA MSE B 98 8.18 2.14 -13.73
C MSE B 98 7.13 1.80 -14.78
O MSE B 98 7.37 1.94 -15.99
CB MSE B 98 8.80 0.88 -13.15
CG MSE B 98 10.15 0.53 -13.74
SE MSE B 98 11.12 -0.60 -12.54
CE MSE B 98 11.87 0.76 -11.39
N MSE B 99 5.97 1.35 -14.32
CA MSE B 99 4.89 0.98 -15.21
C MSE B 99 4.52 2.14 -16.13
O MSE B 99 4.29 1.96 -17.33
CB MSE B 99 3.65 0.56 -14.40
CG MSE B 99 3.90 -0.61 -13.47
SE MSE B 99 4.50 -2.18 -14.43
CE MSE B 99 2.80 -2.80 -15.09
N LYS B 100 4.47 3.34 -15.55
CA LYS B 100 4.14 4.55 -16.30
C LYS B 100 5.32 4.97 -17.17
N LYS B 101 6.13 3.99 -17.57
CA LYS B 101 7.30 4.26 -18.40
C LYS B 101 7.54 3.13 -19.39
N MSE B 102 6.50 2.81 -20.17
CA MSE B 102 6.56 1.76 -21.18
C MSE B 102 5.24 1.63 -21.92
O MSE B 102 5.26 1.68 -23.17
OXT MSE B 102 4.19 1.48 -21.26
CB MSE B 102 6.89 0.43 -20.52
CG MSE B 102 5.90 0.00 -19.47
SE MSE B 102 6.08 -1.85 -19.04
CE MSE B 102 5.00 -2.58 -20.46
CO NCO C . -30.76 0.52 5.10
N1 NCO C . -30.28 2.42 5.27
N2 NCO C . -31.24 -1.38 4.92
N3 NCO C . -29.83 0.13 6.78
N4 NCO C . -31.70 0.91 3.40
N5 NCO C . -32.42 0.83 6.10
N6 NCO C . -29.11 0.19 4.08
CO NCO D . -16.01 -2.22 12.87
N1 NCO D . -16.78 -0.84 14.04
N2 NCO D . -15.24 -3.60 11.69
N3 NCO D . -15.30 -3.17 14.44
N4 NCO D . -16.71 -1.27 11.29
N5 NCO D . -17.67 -3.26 13.01
N6 NCO D . -14.35 -1.18 12.74
CO NCO E . -5.09 -15.10 13.11
N1 NCO E . -6.54 -14.94 14.43
N2 NCO E . -3.64 -15.24 11.80
N3 NCO E . -4.17 -16.37 14.28
N4 NCO E . -6.01 -13.80 11.95
N5 NCO E . -6.03 -16.57 12.24
N6 NCO E . -4.15 -13.61 13.99
CO NCO F . 6.61 -14.61 19.95
N1 NCO F . 5.58 -13.23 20.89
N2 NCO F . 7.66 -15.98 19.00
N3 NCO F . 7.38 -15.20 21.66
N4 NCO F . 5.85 -14.03 18.23
N5 NCO F . 5.13 -15.88 20.17
N6 NCO F . 8.10 -13.33 19.72
CO NCO G . -1.80 -19.63 18.88
N1 NCO G . -3.28 -19.23 20.10
N2 NCO G . -0.32 -20.04 17.66
N3 NCO G . -0.63 -18.43 19.90
N4 NCO G . -2.96 -20.84 17.86
N5 NCO G . -1.25 -21.12 20.04
N6 NCO G . -2.35 -18.14 17.73
CO NCO H . -12.77 -10.83 19.77
N1 NCO H . -13.19 -10.85 21.69
N2 NCO H . -12.36 -10.81 17.86
N3 NCO H . -12.21 -8.95 19.91
N4 NCO H . -13.34 -12.70 19.63
N5 NCO H . -10.94 -11.42 20.16
N6 NCO H . -14.60 -10.24 19.39
CO NCO I . -40.45 4.67 7.18
N1 NCO I . -39.53 4.99 5.47
N2 NCO I . -41.36 4.35 8.89
N3 NCO I . -40.19 2.74 6.95
N4 NCO I . -40.70 6.61 7.40
N5 NCO I . -38.73 4.78 8.13
N6 NCO I . -42.16 4.55 6.23
#